data_4C9F
#
_entry.id   4C9F
#
_cell.length_a   144.025
_cell.length_b   97.959
_cell.length_c   73.846
_cell.angle_alpha   90.00
_cell.angle_beta   120.86
_cell.angle_gamma   90.00
#
_symmetry.space_group_name_H-M   'C 1 2 1'
#
loop_
_entity.id
_entity.type
_entity.pdbx_description
1 polymer 'CD209 ANTIGEN-LIKE PROTEIN B'
2 branched alpha-D-glucopyranose-(1-6)-4-O-sulfo-alpha-D-glucopyranose
3 branched alpha-D-glucopyranose-(1-6)-alpha-D-glucopyranose-(1-6)-alpha-D-glucopyranose-(1-6)-4-O-sulfo-alpha-D-glucopyranose
4 non-polymer 'CALCIUM ION'
5 non-polymer 'SULFATE ION'
6 non-polymer 4-O-sulfo-alpha-D-glucopyranose
7 water water
#
_entity_poly.entity_id   1
_entity_poly.type   'polypeptide(L)'
_entity_poly.pdbx_seq_one_letter_code
;KLCRLCPWDWTFLLGNCYFFSKSQRNWNDAVTACKEVKAQLVIINSDEEQTFLQQTSKAKGPTWMGLSDLKKEATWLWVD
GSTLSSRFQKYWNRGEPNNIGEEDCVEFAGDGWNDSKCELKKFWICKKSATPCT
;
_entity_poly.pdbx_strand_id   A,B,C,D
#
loop_
_chem_comp.id
_chem_comp.type
_chem_comp.name
_chem_comp.formula
CA non-polymer 'CALCIUM ION' 'Ca 2'
GLC D-saccharide, alpha linking alpha-D-glucopyranose 'C6 H12 O6'
GQ1 D-saccharide, alpha linking 4-O-sulfo-alpha-D-glucopyranose 'C6 H12 O9 S'
SO4 non-polymer 'SULFATE ION' 'O4 S -2'
#
# COMPACT_ATOMS: atom_id res chain seq x y z
N LEU A 2 -4.76 6.13 -17.11
CA LEU A 2 -4.56 5.59 -15.74
C LEU A 2 -3.09 5.77 -15.31
N CYS A 3 -2.88 6.22 -14.07
CA CYS A 3 -1.53 6.46 -13.53
C CYS A 3 -1.63 6.73 -12.03
N ARG A 4 -0.82 6.02 -11.25
CA ARG A 4 -0.79 6.18 -9.78
C ARG A 4 0.64 6.21 -9.19
N LEU A 5 1.02 7.34 -8.63
CA LEU A 5 2.41 7.59 -8.26
C LEU A 5 2.79 6.90 -6.98
N CYS A 6 1.81 6.70 -6.12
CA CYS A 6 2.09 6.25 -4.75
C CYS A 6 1.06 5.21 -4.35
N PRO A 7 1.41 4.33 -3.40
CA PRO A 7 0.42 3.45 -2.85
C PRO A 7 -0.81 4.21 -2.34
N TRP A 8 -1.92 3.50 -2.27
CA TRP A 8 -3.19 3.98 -1.75
C TRP A 8 -2.97 4.61 -0.37
N ASP A 9 -3.44 5.84 -0.19
CA ASP A 9 -3.32 6.49 1.12
C ASP A 9 -1.92 7.00 1.44
N TRP A 10 -1.07 7.11 0.44
CA TRP A 10 0.20 7.82 0.61
C TRP A 10 0.18 9.07 -0.24
N THR A 11 0.95 10.09 0.12
CA THR A 11 0.91 11.34 -0.64
C THR A 11 2.14 11.56 -1.52
N PHE A 12 1.96 11.82 -2.82
CA PHE A 12 3.04 12.18 -3.72
C PHE A 12 3.57 13.58 -3.42
N LEU A 13 4.90 13.68 -3.30
CA LEU A 13 5.59 14.96 -3.28
C LEU A 13 7.03 14.82 -3.80
N LEU A 14 7.32 15.63 -4.81
CA LEU A 14 8.63 15.64 -5.47
C LEU A 14 9.23 14.25 -5.52
N GLY A 15 8.54 13.30 -6.15
CA GLY A 15 9.13 11.97 -6.39
C GLY A 15 9.28 11.05 -5.17
N ASN A 16 8.67 11.38 -4.04
CA ASN A 16 8.56 10.38 -2.96
C ASN A 16 7.14 10.29 -2.48
N CYS A 17 6.89 9.28 -1.66
CA CYS A 17 5.56 9.06 -1.12
C CYS A 17 5.64 9.15 0.36
N TYR A 18 4.63 9.77 0.95
CA TYR A 18 4.67 10.09 2.35
C TYR A 18 3.48 9.47 3.04
N PHE A 19 3.68 8.71 4.11
CA PHE A 19 2.52 8.23 4.88
C PHE A 19 2.40 8.93 6.21
N PHE A 20 1.20 9.33 6.58
CA PHE A 20 1.00 10.01 7.86
C PHE A 20 0.25 9.13 8.86
N SER A 21 0.89 8.80 9.97
CA SER A 21 0.29 7.90 10.93
C SER A 21 -0.92 8.54 11.51
N LYS A 22 -1.87 7.70 11.96
CA LYS A 22 -3.09 8.21 12.64
C LYS A 22 -2.92 8.00 14.13
N SER A 23 -1.92 7.20 14.51
CA SER A 23 -1.69 6.88 15.91
C SER A 23 -0.33 7.38 16.35
N GLN A 24 0.01 7.11 17.60
CA GLN A 24 1.26 7.57 18.17
C GLN A 24 2.07 6.39 18.61
N ARG A 25 3.39 6.52 18.53
CA ARG A 25 4.35 5.48 18.87
C ARG A 25 5.61 6.22 19.35
N ASN A 26 6.48 5.55 20.11
CA ASN A 26 7.80 6.09 20.43
C ASN A 26 8.77 6.05 19.23
N TRP A 27 9.92 6.66 19.37
CA TRP A 27 10.69 6.97 18.19
C TRP A 27 11.10 5.67 17.54
N ASN A 28 11.57 4.73 18.37
CA ASN A 28 12.18 3.45 17.91
C ASN A 28 11.07 2.61 17.31
N ASP A 29 9.89 2.68 17.93
CA ASP A 29 8.78 1.98 17.33
C ASP A 29 8.29 2.62 16.04
N ALA A 30 8.52 3.92 15.85
CA ALA A 30 8.17 4.56 14.57
C ALA A 30 9.17 4.15 13.48
N VAL A 31 10.44 4.02 13.85
CA VAL A 31 11.43 3.58 12.88
C VAL A 31 11.00 2.21 12.32
N THR A 32 10.57 1.35 13.25
CA THR A 32 10.16 0.01 12.92
C THR A 32 8.89 0.12 12.12
N ALA A 33 7.93 0.91 12.61
CA ALA A 33 6.67 0.96 11.88
C ALA A 33 6.92 1.23 10.39
N CYS A 34 7.80 2.17 10.03
CA CYS A 34 8.12 2.44 8.61
C CYS A 34 8.88 1.31 7.89
N LYS A 35 9.73 0.57 8.59
CA LYS A 35 10.42 -0.56 7.95
C LYS A 35 9.44 -1.67 7.56
N GLU A 36 8.34 -1.84 8.33
CA GLU A 36 7.31 -2.81 7.97
C GLU A 36 6.97 -2.69 6.53
N VAL A 37 6.94 -1.49 5.99
CA VAL A 37 6.57 -1.36 4.57
C VAL A 37 7.66 -0.82 3.67
N LYS A 38 8.89 -1.24 3.99
CA LYS A 38 10.10 -0.89 3.27
C LYS A 38 10.35 0.60 3.10
N ALA A 39 10.04 1.35 4.15
CA ALA A 39 10.10 2.81 4.15
C ALA A 39 10.94 3.24 5.31
N GLN A 40 11.17 4.55 5.42
CA GLN A 40 11.87 5.05 6.60
C GLN A 40 11.22 6.24 7.22
N LEU A 41 11.40 6.35 8.52
CA LEU A 41 10.94 7.52 9.26
C LEU A 41 11.49 8.77 8.52
N VAL A 42 10.64 9.79 8.36
CA VAL A 42 10.93 10.70 7.25
C VAL A 42 12.26 11.42 7.36
N ILE A 43 12.95 11.43 6.24
CA ILE A 43 14.13 12.18 6.10
C ILE A 43 13.80 13.42 5.25
N ILE A 44 14.35 14.56 5.65
CA ILE A 44 14.10 15.78 4.95
C ILE A 44 15.30 16.11 4.09
N ASN A 45 15.04 16.28 2.81
CA ASN A 45 16.08 16.54 1.82
C ASN A 45 15.69 17.67 0.87
N SER A 46 14.69 18.46 1.23
CA SER A 46 14.29 19.64 0.45
C SER A 46 13.42 20.55 1.32
N ASP A 47 13.47 21.84 1.00
CA ASP A 47 12.72 22.85 1.76
C ASP A 47 11.21 22.69 1.60
N GLU A 48 10.80 22.40 0.37
CA GLU A 48 9.38 22.23 0.08
C GLU A 48 8.84 21.05 0.87
N GLU A 49 9.66 20.00 1.03
CA GLU A 49 9.27 18.86 1.84
C GLU A 49 9.04 19.29 3.28
N GLN A 50 9.95 20.08 3.81
CA GLN A 50 9.87 20.51 5.20
C GLN A 50 8.61 21.28 5.41
N THR A 51 8.38 22.22 4.50
CA THR A 51 7.17 23.01 4.56
C THR A 51 5.91 22.11 4.52
N PHE A 52 5.86 21.16 3.59
CA PHE A 52 4.69 20.33 3.46
C PHE A 52 4.43 19.49 4.72
N LEU A 53 5.47 18.86 5.24
CA LEU A 53 5.30 18.06 6.41
C LEU A 53 4.94 18.89 7.63
N GLN A 54 5.56 20.05 7.76
CA GLN A 54 5.37 20.94 8.91
C GLN A 54 3.94 21.39 9.08
N GLN A 55 3.25 21.64 7.98
CA GLN A 55 1.86 22.13 8.09
C GLN A 55 0.94 21.00 8.50
N THR A 56 1.16 19.82 7.92
CA THR A 56 0.34 18.66 8.31
C THR A 56 0.52 18.31 9.78
N SER A 57 1.76 18.35 10.26
CA SER A 57 2.07 18.11 11.68
C SER A 57 1.36 19.07 12.59
N LYS A 58 1.30 20.32 12.19
CA LYS A 58 0.61 21.32 12.97
C LYS A 58 -0.86 20.98 13.14
N ALA A 59 -1.48 20.29 12.18
CA ALA A 59 -2.88 19.89 12.37
C ALA A 59 -3.04 18.61 13.22
N LYS A 60 -2.05 17.74 13.19
CA LYS A 60 -2.16 16.45 13.86
C LYS A 60 -1.76 16.67 15.30
N GLY A 61 -0.49 16.99 15.50
CA GLY A 61 0.12 17.07 16.85
C GLY A 61 1.59 16.96 16.59
N PRO A 62 2.42 17.03 17.63
CA PRO A 62 3.82 16.75 17.43
C PRO A 62 4.07 15.36 16.82
N THR A 63 5.11 15.27 15.96
CA THR A 63 5.34 14.19 14.96
C THR A 63 6.86 13.90 14.74
N TRP A 64 7.24 12.62 14.80
CA TRP A 64 8.65 12.29 14.80
C TRP A 64 9.17 12.39 13.39
N MET A 65 10.42 12.81 13.23
CA MET A 65 11.11 12.58 11.99
C MET A 65 12.25 11.59 12.26
N GLY A 66 12.93 11.18 11.18
CA GLY A 66 14.02 10.21 11.27
C GLY A 66 15.39 10.78 11.62
N LEU A 67 15.45 11.61 12.65
CA LEU A 67 16.68 12.28 13.01
C LEU A 67 16.91 12.03 14.48
N SER A 68 18.13 11.68 14.84
CA SER A 68 18.49 11.53 16.23
C SER A 68 19.96 11.71 16.40
N ASP A 69 20.38 11.75 17.65
CA ASP A 69 21.77 11.76 18.02
C ASP A 69 22.01 10.63 19.01
N LEU A 70 21.27 9.54 18.84
CA LEU A 70 21.39 8.38 19.73
C LEU A 70 22.75 7.72 19.68
N LYS A 71 23.37 7.74 18.51
CA LYS A 71 24.63 7.06 18.29
C LYS A 71 25.74 7.89 18.92
N LYS A 72 25.92 9.15 18.45
CA LYS A 72 26.98 10.05 18.95
C LYS A 72 26.39 11.37 19.47
N GLU A 73 26.67 11.67 20.74
CA GLU A 73 25.82 12.51 21.59
C GLU A 73 25.51 13.94 21.15
N ALA A 74 26.14 14.46 20.11
CA ALA A 74 25.63 15.76 19.60
C ALA A 74 25.70 15.88 18.10
N THR A 75 25.79 14.74 17.43
CA THR A 75 25.83 14.71 16.02
C THR A 75 24.45 14.21 15.56
N TRP A 76 23.78 14.96 14.69
CA TRP A 76 22.42 14.59 14.32
C TRP A 76 22.46 13.84 13.05
N LEU A 77 22.03 12.57 13.09
CA LEU A 77 22.06 11.64 11.92
C LEU A 77 20.69 11.17 11.50
N TRP A 78 20.39 11.23 10.21
CA TRP A 78 19.16 10.69 9.68
C TRP A 78 19.20 9.17 9.82
N VAL A 79 18.04 8.51 9.82
CA VAL A 79 18.00 7.04 10.03
C VAL A 79 18.76 6.29 8.94
N ASP A 80 18.96 6.90 7.78
CA ASP A 80 19.66 6.26 6.69
C ASP A 80 21.15 6.42 6.80
N GLY A 81 21.65 6.96 7.91
CA GLY A 81 23.08 7.11 8.10
C GLY A 81 23.74 8.45 7.77
N SER A 82 23.09 9.31 6.97
CA SER A 82 23.73 10.57 6.55
C SER A 82 23.57 11.62 7.60
N THR A 83 24.42 12.65 7.59
CA THR A 83 24.43 13.69 8.64
C THR A 83 23.51 14.85 8.31
N LEU A 84 23.09 15.61 9.32
CA LEU A 84 22.25 16.78 9.07
C LEU A 84 23.00 17.83 8.23
N SER A 85 22.64 17.92 6.96
CA SER A 85 23.20 18.96 6.10
C SER A 85 23.03 20.39 6.65
N SER A 86 24.00 21.24 6.39
CA SER A 86 24.03 22.59 6.97
C SER A 86 22.94 23.51 6.41
N ARG A 87 22.44 23.26 5.18
CA ARG A 87 21.26 24.00 4.61
C ARG A 87 19.92 23.63 5.29
N PHE A 88 19.92 22.72 6.28
CA PHE A 88 18.73 22.39 7.11
C PHE A 88 18.87 22.75 8.60
N GLN A 89 19.96 23.39 8.99
CA GLN A 89 20.11 23.87 10.36
C GLN A 89 19.08 24.97 10.71
N LYS A 90 18.63 25.74 9.74
CA LYS A 90 17.62 26.80 9.99
C LYS A 90 16.25 26.35 10.50
N TYR A 91 15.92 25.06 10.31
CA TYR A 91 14.60 24.57 10.67
C TYR A 91 14.42 24.31 12.16
N TRP A 92 15.52 24.27 12.91
CA TRP A 92 15.46 24.16 14.35
C TRP A 92 14.64 25.34 14.89
N ASN A 93 13.72 25.08 15.80
CA ASN A 93 13.09 26.15 16.57
C ASN A 93 14.15 26.95 17.34
N ARG A 94 13.81 28.16 17.77
CA ARG A 94 14.69 28.89 18.67
C ARG A 94 14.58 28.20 20.01
N GLY A 95 15.71 28.09 20.69
CA GLY A 95 15.81 27.35 21.95
C GLY A 95 16.03 25.87 21.76
N GLU A 96 16.41 25.48 20.54
CA GLU A 96 16.48 24.07 20.12
C GLU A 96 17.66 23.90 19.15
N PRO A 97 18.34 22.77 19.20
CA PRO A 97 18.13 21.69 20.11
C PRO A 97 18.78 22.03 21.44
N ASN A 98 18.11 21.72 22.52
CA ASN A 98 18.62 21.96 23.86
C ASN A 98 18.62 20.63 24.62
N ASN A 99 18.74 20.65 25.96
CA ASN A 99 18.81 19.43 26.76
C ASN A 99 19.58 18.29 26.12
N ILE A 100 20.73 18.63 25.53
CA ILE A 100 21.52 17.64 24.79
C ILE A 100 21.82 16.44 25.69
N GLY A 101 21.48 15.23 25.26
CA GLY A 101 21.77 14.07 26.12
C GLY A 101 20.70 13.63 27.11
N GLU A 102 19.76 14.50 27.44
CA GLU A 102 18.44 14.02 27.93
C GLU A 102 17.56 13.71 26.69
N GLU A 103 17.66 14.51 25.61
CA GLU A 103 16.65 14.48 24.48
C GLU A 103 17.27 14.22 23.14
N ASP A 104 17.01 13.03 22.62
CA ASP A 104 17.86 12.55 21.57
C ASP A 104 17.18 12.45 20.22
N CYS A 105 15.87 12.69 20.20
CA CYS A 105 15.10 12.45 19.00
C CYS A 105 14.45 13.74 18.53
N VAL A 106 14.41 13.96 17.24
CA VAL A 106 13.84 15.17 16.68
C VAL A 106 12.36 15.01 16.21
N GLU A 107 11.53 15.95 16.61
CA GLU A 107 10.13 15.96 16.24
C GLU A 107 9.81 17.26 15.51
N PHE A 108 8.72 17.27 14.74
CA PHE A 108 8.11 18.50 14.26
C PHE A 108 7.26 19.17 15.37
N ALA A 109 7.51 20.43 15.69
CA ALA A 109 6.66 21.15 16.65
C ALA A 109 6.55 22.62 16.26
N GLY A 110 5.31 23.06 16.03
CA GLY A 110 5.07 24.42 15.58
C GLY A 110 5.53 24.61 14.18
N ASP A 111 6.40 25.59 13.94
CA ASP A 111 6.91 25.84 12.59
C ASP A 111 8.31 25.34 12.43
N GLY A 112 8.81 24.55 13.39
CA GLY A 112 10.16 23.98 13.32
C GLY A 112 10.37 22.66 14.04
N TRP A 113 11.64 22.35 14.24
CA TRP A 113 12.06 21.08 14.87
C TRP A 113 12.48 21.26 16.30
N ASN A 114 12.03 20.33 17.15
CA ASN A 114 12.52 20.16 18.51
C ASN A 114 13.26 18.86 18.65
N ASP A 115 14.18 18.79 19.63
CA ASP A 115 14.59 17.51 20.19
C ASP A 115 13.70 17.12 21.39
N SER A 116 13.38 15.84 21.47
CA SER A 116 12.45 15.42 22.50
C SER A 116 12.98 14.13 23.03
N LYS A 117 12.41 13.68 24.15
CA LYS A 117 12.82 12.41 24.77
C LYS A 117 12.29 11.31 23.83
N CYS A 118 13.13 10.36 23.44
CA CYS A 118 12.72 9.32 22.49
C CYS A 118 11.56 8.44 22.99
N GLU A 119 11.46 8.21 24.30
CA GLU A 119 10.41 7.38 24.89
C GLU A 119 9.00 7.88 24.66
N LEU A 120 8.81 9.12 24.25
CA LEU A 120 7.47 9.67 24.15
C LEU A 120 6.71 9.24 22.92
N LYS A 121 5.43 8.99 23.12
CA LYS A 121 4.53 8.61 22.05
C LYS A 121 4.17 9.82 21.17
N LYS A 122 4.54 9.78 19.89
CA LYS A 122 4.14 10.83 18.94
C LYS A 122 3.63 10.25 17.64
N PHE A 123 3.05 11.10 16.82
CA PHE A 123 2.73 10.68 15.49
C PHE A 123 4.03 10.50 14.75
N TRP A 124 3.93 9.85 13.59
CA TRP A 124 5.07 9.68 12.72
C TRP A 124 4.68 9.81 11.25
N ILE A 125 5.71 9.92 10.42
CA ILE A 125 5.56 9.92 8.99
C ILE A 125 6.58 9.01 8.34
N CYS A 126 6.18 8.31 7.29
CA CYS A 126 7.11 7.48 6.55
C CYS A 126 7.27 8.02 5.16
N LYS A 127 8.41 7.68 4.58
CA LYS A 127 8.82 8.08 3.24
C LYS A 127 9.46 6.90 2.49
N LYS A 128 9.10 6.74 1.23
CA LYS A 128 9.78 5.86 0.28
C LYS A 128 9.66 6.50 -1.10
N SER A 129 10.46 6.03 -2.05
CA SER A 129 10.43 6.61 -3.39
C SER A 129 9.11 6.36 -4.11
N ALA A 130 8.68 7.35 -4.88
CA ALA A 130 7.51 7.26 -5.72
C ALA A 130 7.80 6.37 -6.89
N THR A 131 6.77 6.15 -7.70
CA THR A 131 6.81 5.29 -8.89
C THR A 131 6.35 6.06 -10.10
N PRO A 132 7.24 6.31 -11.06
CA PRO A 132 6.92 7.23 -12.18
C PRO A 132 5.83 6.79 -13.18
N CYS A 133 5.43 7.78 -13.98
CA CYS A 133 4.54 7.61 -15.14
C CYS A 133 5.15 8.35 -16.35
N LEU B 2 -6.87 8.51 17.79
CA LEU B 2 -6.76 8.17 16.36
C LEU B 2 -7.24 9.33 15.41
N CYS B 3 -6.28 10.17 14.96
CA CYS B 3 -6.56 11.36 14.16
C CYS B 3 -6.48 11.16 12.62
N ARG B 4 -7.58 11.40 11.88
CA ARG B 4 -7.56 11.58 10.45
C ARG B 4 -8.08 12.99 10.11
N LEU B 5 -7.28 13.82 9.44
CA LEU B 5 -7.80 15.08 8.95
C LEU B 5 -8.71 14.91 7.74
N CYS B 6 -8.44 13.92 6.92
CA CYS B 6 -9.05 13.73 5.59
C CYS B 6 -9.61 12.31 5.29
N PRO B 7 -10.55 12.25 4.38
CA PRO B 7 -10.84 10.88 3.95
C PRO B 7 -9.58 10.08 3.54
N TRP B 8 -9.76 8.77 3.60
CA TRP B 8 -8.76 7.84 3.16
C TRP B 8 -8.38 8.17 1.74
N ASP B 9 -7.07 8.18 1.49
CA ASP B 9 -6.55 8.46 0.19
C ASP B 9 -6.76 9.90 -0.26
N TRP B 10 -7.14 10.80 0.65
CA TRP B 10 -7.03 12.25 0.32
C TRP B 10 -5.86 12.90 1.11
N THR B 11 -5.28 13.94 0.55
CA THR B 11 -4.10 14.57 1.15
C THR B 11 -4.46 15.86 1.88
N PHE B 12 -3.95 16.00 3.09
CA PHE B 12 -4.22 17.22 3.86
C PHE B 12 -3.31 18.38 3.44
N LEU B 13 -3.87 19.57 3.26
CA LEU B 13 -3.05 20.76 2.96
C LEU B 13 -3.76 22.04 3.35
N LEU B 14 -3.29 22.69 4.41
CA LEU B 14 -3.77 24.01 4.82
C LEU B 14 -5.27 24.01 5.05
N GLY B 15 -5.72 23.03 5.83
CA GLY B 15 -7.12 22.95 6.24
C GLY B 15 -8.08 22.34 5.22
N ASN B 16 -7.57 21.90 4.06
CA ASN B 16 -8.41 21.17 3.11
C ASN B 16 -7.85 19.81 2.72
N CYS B 17 -8.69 19.01 2.08
CA CYS B 17 -8.35 17.67 1.63
C CYS B 17 -8.43 17.61 0.13
N TYR B 18 -7.41 16.98 -0.49
CA TYR B 18 -7.32 16.89 -1.97
C TYR B 18 -7.28 15.45 -2.44
N PHE B 19 -8.10 15.14 -3.45
CA PHE B 19 -8.10 13.82 -4.04
C PHE B 19 -7.56 13.89 -5.45
N PHE B 20 -6.54 13.08 -5.75
CA PHE B 20 -6.01 12.96 -7.13
C PHE B 20 -6.63 11.80 -7.87
N SER B 21 -7.39 12.04 -8.93
CA SER B 21 -7.96 10.92 -9.68
C SER B 21 -6.83 10.05 -10.22
N LYS B 22 -7.13 8.76 -10.42
CA LYS B 22 -6.20 7.86 -11.13
C LYS B 22 -6.59 7.67 -12.58
N SER B 23 -7.84 7.94 -12.90
CA SER B 23 -8.37 7.86 -14.25
C SER B 23 -8.70 9.25 -14.81
N GLN B 24 -9.37 9.26 -15.95
CA GLN B 24 -9.51 10.46 -16.77
C GLN B 24 -10.94 10.63 -17.23
N ARG B 25 -11.34 11.90 -17.25
CA ARG B 25 -12.73 12.29 -17.55
C ARG B 25 -12.75 13.64 -18.20
N ASN B 26 -13.87 13.93 -18.86
CA ASN B 26 -14.09 15.30 -19.34
C ASN B 26 -14.35 16.32 -18.19
N TRP B 27 -14.32 17.60 -18.49
CA TRP B 27 -14.42 18.58 -17.45
C TRP B 27 -15.73 18.38 -16.71
N ASN B 28 -16.88 18.33 -17.40
CA ASN B 28 -18.18 18.17 -16.68
C ASN B 28 -18.32 16.94 -15.86
N ASP B 29 -17.73 15.84 -16.29
CA ASP B 29 -17.86 14.64 -15.51
C ASP B 29 -16.94 14.77 -14.34
N ALA B 30 -15.87 15.53 -14.51
CA ALA B 30 -14.94 15.71 -13.40
C ALA B 30 -15.64 16.41 -12.26
N VAL B 31 -16.38 17.46 -12.60
CA VAL B 31 -17.21 18.20 -11.66
C VAL B 31 -18.12 17.25 -10.92
N THR B 32 -18.79 16.39 -11.68
CA THR B 32 -19.76 15.45 -11.15
C THR B 32 -19.07 14.52 -10.19
N ALA B 33 -17.95 13.98 -10.60
CA ALA B 33 -17.27 12.99 -9.81
C ALA B 33 -16.93 13.58 -8.48
N CYS B 34 -16.49 14.85 -8.47
CA CYS B 34 -16.18 15.52 -7.22
C CYS B 34 -17.45 15.82 -6.43
N LYS B 35 -18.49 16.23 -7.10
CA LYS B 35 -19.77 16.40 -6.44
C LYS B 35 -20.25 15.12 -5.76
N GLU B 36 -19.98 13.96 -6.37
CA GLU B 36 -20.51 12.72 -5.79
C GLU B 36 -19.85 12.45 -4.46
N VAL B 37 -18.70 13.10 -4.17
CA VAL B 37 -18.01 12.86 -2.89
C VAL B 37 -18.04 14.19 -2.17
N LYS B 38 -19.07 14.97 -2.44
CA LYS B 38 -19.34 16.16 -1.69
C LYS B 38 -18.12 17.07 -1.74
N ALA B 39 -17.51 17.16 -2.90
CA ALA B 39 -16.31 18.01 -3.08
C ALA B 39 -16.42 18.86 -4.33
N GLN B 40 -15.45 19.74 -4.51
CA GLN B 40 -15.45 20.65 -5.64
C GLN B 40 -14.21 20.47 -6.47
N LEU B 41 -14.37 20.43 -7.80
CA LEU B 41 -13.26 20.32 -8.72
C LEU B 41 -12.32 21.45 -8.31
N VAL B 42 -11.02 21.20 -8.20
CA VAL B 42 -10.25 21.97 -7.24
C VAL B 42 -10.23 23.45 -7.56
N ILE B 43 -10.57 24.27 -6.56
CA ILE B 43 -10.44 25.71 -6.65
C ILE B 43 -9.13 26.14 -5.96
N ILE B 44 -8.41 27.06 -6.58
CA ILE B 44 -7.12 27.49 -6.06
C ILE B 44 -7.20 28.80 -5.33
N ASN B 45 -6.77 28.83 -4.10
CA ASN B 45 -6.96 30.02 -3.25
C ASN B 45 -5.69 30.42 -2.52
N SER B 46 -4.58 29.78 -2.83
CA SER B 46 -3.32 30.19 -2.33
C SER B 46 -2.23 29.73 -3.27
N ASP B 47 -1.10 30.45 -3.25
CA ASP B 47 0.13 30.01 -3.93
C ASP B 47 0.64 28.61 -3.51
N GLU B 48 0.55 28.29 -2.23
CA GLU B 48 1.13 27.06 -1.75
C GLU B 48 0.34 25.94 -2.33
N GLU B 49 -1.01 26.05 -2.28
CA GLU B 49 -1.89 25.03 -2.91
C GLU B 49 -1.50 24.78 -4.38
N GLN B 50 -1.34 25.88 -5.13
CA GLN B 50 -1.02 25.83 -6.53
C GLN B 50 0.24 25.05 -6.77
N THR B 51 1.30 25.47 -6.11
CA THR B 51 2.57 24.77 -6.17
C THR B 51 2.43 23.29 -5.88
N PHE B 52 1.71 22.97 -4.80
CA PHE B 52 1.57 21.61 -4.39
C PHE B 52 0.85 20.80 -5.46
N LEU B 53 -0.23 21.35 -6.03
CA LEU B 53 -0.99 20.64 -7.11
C LEU B 53 -0.23 20.56 -8.42
N GLN B 54 0.43 21.65 -8.78
CA GLN B 54 1.17 21.78 -10.04
C GLN B 54 2.17 20.68 -10.14
N GLN B 55 2.84 20.40 -9.02
CA GLN B 55 3.95 19.43 -9.04
C GLN B 55 3.44 17.97 -9.15
N THR B 56 2.42 17.62 -8.39
CA THR B 56 1.82 16.31 -8.52
C THR B 56 1.34 16.19 -9.93
N SER B 57 0.67 17.24 -10.36
CA SER B 57 -0.08 17.17 -11.59
C SER B 57 0.89 16.95 -12.72
N LYS B 58 2.10 17.47 -12.57
CA LYS B 58 3.13 17.44 -13.60
C LYS B 58 3.77 16.07 -13.74
N ALA B 59 3.76 15.32 -12.65
CA ALA B 59 4.23 13.96 -12.62
C ALA B 59 3.17 12.99 -13.16
N LYS B 60 1.91 13.38 -13.24
CA LYS B 60 0.87 12.46 -13.68
C LYS B 60 0.56 12.70 -15.13
N GLY B 61 0.39 13.98 -15.48
CA GLY B 61 -0.11 14.36 -16.79
C GLY B 61 -1.17 15.42 -16.67
N PRO B 62 -1.55 16.01 -17.79
CA PRO B 62 -2.55 17.06 -17.81
C PRO B 62 -3.79 16.72 -17.00
N THR B 63 -4.29 17.74 -16.27
CA THR B 63 -5.22 17.64 -15.10
C THR B 63 -6.14 18.88 -14.99
N TRP B 64 -7.42 18.61 -14.77
CA TRP B 64 -8.40 19.65 -14.76
C TRP B 64 -8.45 20.27 -13.38
N MET B 65 -8.68 21.57 -13.37
CA MET B 65 -9.09 22.29 -12.20
C MET B 65 -10.49 22.87 -12.43
N GLY B 66 -11.08 23.45 -11.39
CA GLY B 66 -12.47 23.89 -11.45
C GLY B 66 -12.63 25.32 -11.96
N LEU B 67 -12.00 25.61 -13.08
CA LEU B 67 -11.95 26.95 -13.61
C LEU B 67 -12.44 26.93 -15.04
N SER B 68 -13.39 27.78 -15.39
CA SER B 68 -13.91 27.76 -16.76
C SER B 68 -14.41 29.11 -17.16
N ASP B 69 -14.56 29.32 -18.45
CA ASP B 69 -15.17 30.53 -18.93
C ASP B 69 -16.38 30.14 -19.73
N LEU B 70 -17.09 29.12 -19.30
CA LEU B 70 -18.23 28.64 -20.06
C LEU B 70 -19.44 29.60 -19.98
N LYS B 71 -19.53 30.43 -18.97
CA LYS B 71 -20.69 31.31 -18.87
C LYS B 71 -20.46 32.48 -19.79
N LYS B 72 -19.31 33.12 -19.62
CA LYS B 72 -19.02 34.34 -20.30
C LYS B 72 -17.54 34.27 -20.67
N GLU B 73 -17.30 34.29 -21.98
CA GLU B 73 -16.00 34.10 -22.57
C GLU B 73 -14.90 35.09 -22.11
N ALA B 74 -13.77 34.52 -21.69
CA ALA B 74 -12.66 35.25 -21.12
C ALA B 74 -12.98 35.78 -19.74
N THR B 75 -14.13 35.48 -19.20
CA THR B 75 -14.30 35.66 -17.78
C THR B 75 -14.21 34.31 -17.11
N TRP B 76 -13.07 34.06 -16.47
CA TRP B 76 -12.78 32.75 -15.89
C TRP B 76 -13.34 32.69 -14.48
N LEU B 77 -14.20 31.71 -14.25
CA LEU B 77 -14.95 31.56 -13.03
C LEU B 77 -14.69 30.23 -12.37
N TRP B 78 -14.47 30.24 -11.05
CA TRP B 78 -14.40 28.99 -10.30
C TRP B 78 -15.77 28.31 -10.23
N VAL B 79 -15.79 27.00 -10.02
CA VAL B 79 -17.08 26.31 -9.93
C VAL B 79 -17.97 26.83 -8.78
N ASP B 80 -17.44 27.59 -7.79
CA ASP B 80 -18.30 28.25 -6.76
C ASP B 80 -18.81 29.63 -7.18
N GLY B 81 -18.50 30.08 -8.40
CA GLY B 81 -18.99 31.37 -8.86
C GLY B 81 -18.04 32.55 -8.68
N SER B 82 -16.98 32.41 -7.87
CA SER B 82 -16.04 33.53 -7.65
C SER B 82 -15.06 33.68 -8.84
N THR B 83 -14.67 34.91 -9.11
CA THR B 83 -13.93 35.25 -10.31
C THR B 83 -12.45 34.99 -10.07
N LEU B 84 -11.69 34.77 -11.13
CA LEU B 84 -10.26 34.49 -10.96
C LEU B 84 -9.56 35.68 -10.36
N SER B 85 -9.08 35.62 -9.13
CA SER B 85 -8.39 36.79 -8.58
C SER B 85 -7.18 37.15 -9.44
N SER B 86 -6.99 38.44 -9.66
CA SER B 86 -5.91 38.87 -10.53
C SER B 86 -4.53 38.43 -10.00
N ARG B 87 -4.39 38.13 -8.71
CA ARG B 87 -3.09 37.69 -8.22
C ARG B 87 -2.74 36.22 -8.58
N PHE B 88 -3.60 35.47 -9.28
CA PHE B 88 -3.24 34.14 -9.82
C PHE B 88 -3.07 34.19 -11.33
N GLN B 89 -3.23 35.37 -11.89
CA GLN B 89 -2.99 35.51 -13.30
C GLN B 89 -1.61 34.99 -13.72
N LYS B 90 -0.60 35.10 -12.86
CA LYS B 90 0.78 34.70 -13.21
C LYS B 90 1.05 33.18 -13.49
N TYR B 91 0.07 32.32 -13.18
CA TYR B 91 0.24 30.89 -13.23
C TYR B 91 -0.12 30.36 -14.59
N TRP B 92 -0.81 31.15 -15.41
CA TRP B 92 -0.97 30.81 -16.84
C TRP B 92 0.39 30.62 -17.51
N ASN B 93 0.57 29.50 -18.21
CA ASN B 93 1.73 29.32 -19.11
C ASN B 93 1.78 30.45 -20.16
N ARG B 94 2.99 30.68 -20.68
CA ARG B 94 3.16 31.55 -21.84
C ARG B 94 2.39 30.92 -22.92
N GLY B 95 1.79 31.73 -23.77
CA GLY B 95 0.96 31.18 -24.83
C GLY B 95 -0.44 30.88 -24.38
N GLU B 96 -0.77 31.19 -23.13
CA GLU B 96 -2.08 30.85 -22.59
C GLU B 96 -2.74 32.01 -21.81
N PRO B 97 -4.06 32.04 -21.80
CA PRO B 97 -4.98 31.17 -22.54
C PRO B 97 -5.05 31.64 -23.98
N ASN B 98 -5.26 30.72 -24.90
CA ASN B 98 -5.48 31.04 -26.30
C ASN B 98 -6.80 30.34 -26.74
N ASN B 99 -7.07 30.34 -28.05
CA ASN B 99 -8.34 29.83 -28.62
C ASN B 99 -9.60 30.14 -27.79
N ILE B 100 -9.73 31.39 -27.38
CA ILE B 100 -10.91 31.86 -26.62
C ILE B 100 -12.19 31.49 -27.40
N GLY B 101 -13.24 31.10 -26.71
CA GLY B 101 -14.39 30.54 -27.44
C GLY B 101 -14.17 29.29 -28.35
N GLU B 102 -12.97 28.69 -28.35
CA GLU B 102 -12.87 27.22 -28.59
C GLU B 102 -12.40 26.40 -27.35
N GLU B 103 -11.66 27.00 -26.43
CA GLU B 103 -11.05 26.25 -25.32
C GLU B 103 -11.47 26.88 -24.03
N ASP B 104 -12.42 26.24 -23.38
CA ASP B 104 -13.08 26.89 -22.25
C ASP B 104 -12.73 26.34 -20.84
N CYS B 105 -12.02 25.24 -20.75
CA CYS B 105 -11.73 24.68 -19.43
C CYS B 105 -10.24 24.75 -19.10
N VAL B 106 -9.90 24.95 -17.85
CA VAL B 106 -8.50 25.13 -17.50
C VAL B 106 -7.91 23.87 -16.91
N GLU B 107 -6.70 23.56 -17.31
CA GLU B 107 -5.93 22.44 -16.80
C GLU B 107 -4.53 22.91 -16.28
N PHE B 108 -3.97 22.11 -15.38
CA PHE B 108 -2.59 22.16 -15.09
C PHE B 108 -1.87 21.52 -16.28
N ALA B 109 -0.74 22.09 -16.72
CA ALA B 109 0.07 21.48 -17.78
C ALA B 109 1.55 21.82 -17.60
N GLY B 110 2.38 20.84 -17.29
CA GLY B 110 3.75 21.11 -16.94
C GLY B 110 3.88 22.01 -15.75
N ASP B 111 4.49 23.15 -15.97
CA ASP B 111 4.81 24.12 -14.95
C ASP B 111 3.68 25.17 -14.72
N GLY B 112 2.58 25.17 -15.50
CA GLY B 112 1.55 26.25 -15.42
C GLY B 112 0.17 25.86 -15.85
N TRP B 113 -0.65 26.83 -16.21
CA TRP B 113 -2.03 26.51 -16.61
C TRP B 113 -2.21 26.62 -18.09
N ASN B 114 -3.20 25.88 -18.63
CA ASN B 114 -3.65 26.01 -20.00
C ASN B 114 -5.13 26.04 -20.12
N ASP B 115 -5.67 26.57 -21.21
CA ASP B 115 -7.10 26.31 -21.52
C ASP B 115 -7.23 25.21 -22.54
N SER B 116 -8.31 24.46 -22.48
CA SER B 116 -8.40 23.24 -23.27
C SER B 116 -9.88 22.99 -23.58
N LYS B 117 -10.10 22.06 -24.50
CA LYS B 117 -11.43 21.67 -24.95
C LYS B 117 -12.05 20.89 -23.83
N CYS B 118 -13.26 21.28 -23.42
CA CYS B 118 -13.87 20.72 -22.23
C CYS B 118 -14.15 19.25 -22.40
N GLU B 119 -14.35 18.82 -23.64
CA GLU B 119 -14.73 17.45 -23.97
C GLU B 119 -13.55 16.52 -23.81
N LEU B 120 -12.35 17.04 -23.69
CA LEU B 120 -11.21 16.15 -23.57
C LEU B 120 -11.15 15.50 -22.20
N LYS B 121 -10.66 14.26 -22.20
CA LYS B 121 -10.50 13.49 -20.98
C LYS B 121 -9.14 13.69 -20.30
N LYS B 122 -9.17 14.02 -19.02
CA LYS B 122 -7.96 14.27 -18.25
C LYS B 122 -8.07 13.81 -16.80
N PHE B 123 -6.95 13.84 -16.10
CA PHE B 123 -6.98 13.55 -14.70
C PHE B 123 -7.72 14.73 -14.07
N TRP B 124 -8.17 14.57 -12.83
CA TRP B 124 -8.83 15.67 -12.14
C TRP B 124 -8.45 15.62 -10.65
N ILE B 125 -8.70 16.71 -9.95
CA ILE B 125 -8.47 16.82 -8.54
C ILE B 125 -9.68 17.38 -7.79
N CYS B 126 -9.98 16.81 -6.62
CA CYS B 126 -11.08 17.32 -5.79
C CYS B 126 -10.60 18.00 -4.54
N LYS B 127 -11.38 18.99 -4.11
CA LYS B 127 -11.11 19.64 -2.87
C LYS B 127 -12.32 19.65 -1.99
N LYS B 128 -12.16 19.40 -0.70
CA LYS B 128 -13.17 19.73 0.28
C LYS B 128 -12.48 20.01 1.59
N SER B 129 -13.18 20.60 2.55
CA SER B 129 -12.61 21.01 3.83
C SER B 129 -12.09 19.83 4.70
N ALA B 130 -11.04 20.07 5.49
CA ALA B 130 -10.56 19.04 6.42
C ALA B 130 -11.34 19.05 7.73
N THR B 131 -11.16 17.99 8.52
CA THR B 131 -11.81 17.86 9.83
C THR B 131 -10.72 17.83 10.92
N PRO B 132 -10.94 18.52 12.06
CA PRO B 132 -9.86 18.68 13.03
C PRO B 132 -9.56 17.46 13.85
N CYS B 133 -8.41 17.51 14.54
CA CYS B 133 -8.15 16.64 15.66
C CYS B 133 -7.68 17.37 16.94
N THR B 134 -8.65 17.76 17.79
CA THR B 134 -8.41 18.29 19.18
C THR B 134 -6.94 18.15 19.60
N LEU C 2 -1.27 -4.79 -16.23
CA LEU C 2 -2.72 -4.56 -16.24
C LEU C 2 -3.58 -5.42 -15.27
N CYS C 3 -3.00 -5.91 -14.15
CA CYS C 3 -3.81 -6.44 -13.04
C CYS C 3 -3.08 -6.60 -11.71
N ARG C 4 -3.59 -5.89 -10.70
CA ARG C 4 -3.06 -5.98 -9.33
C ARG C 4 -4.17 -6.10 -8.30
N LEU C 5 -4.28 -7.25 -7.66
CA LEU C 5 -5.41 -7.50 -6.79
C LEU C 5 -5.27 -6.78 -5.45
N CYS C 6 -4.01 -6.61 -5.02
CA CYS C 6 -3.73 -6.15 -3.67
C CYS C 6 -2.61 -5.10 -3.64
N PRO C 7 -2.58 -4.27 -2.60
CA PRO C 7 -1.43 -3.40 -2.47
C PRO C 7 -0.12 -4.19 -2.44
N TRP C 8 0.95 -3.49 -2.83
CA TRP C 8 2.28 -4.01 -2.90
C TRP C 8 2.58 -4.55 -1.50
N ASP C 9 3.10 -5.78 -1.43
CA ASP C 9 3.43 -6.47 -0.18
C ASP C 9 2.22 -6.97 0.60
N TRP C 10 1.08 -7.14 -0.04
CA TRP C 10 -0.01 -7.86 0.61
C TRP C 10 -0.29 -9.04 -0.30
N THR C 11 -0.82 -10.13 0.24
CA THR C 11 -1.11 -11.33 -0.50
C THR C 11 -2.60 -11.53 -0.82
N PHE C 12 -2.94 -11.77 -2.07
CA PHE C 12 -4.30 -12.10 -2.42
C PHE C 12 -4.67 -13.47 -1.90
N LEU C 13 -5.85 -13.58 -1.30
CA LEU C 13 -6.43 -14.88 -1.06
C LEU C 13 -7.91 -14.78 -1.04
N LEU C 14 -8.57 -15.47 -1.96
CA LEU C 14 -10.04 -15.53 -1.99
C LEU C 14 -10.70 -14.17 -1.70
N GLY C 15 -10.38 -13.18 -2.53
CA GLY C 15 -11.03 -11.87 -2.46
C GLY C 15 -10.61 -10.92 -1.33
N ASN C 16 -9.61 -11.30 -0.56
CA ASN C 16 -9.13 -10.38 0.45
C ASN C 16 -7.68 -10.23 0.34
N CYS C 17 -7.16 -9.19 1.00
CA CYS C 17 -5.70 -8.96 1.01
C CYS C 17 -5.14 -9.12 2.39
N TYR C 18 -4.00 -9.78 2.48
CA TYR C 18 -3.46 -10.13 3.78
C TYR C 18 -2.06 -9.55 3.96
N PHE C 19 -1.86 -8.81 5.05
CA PHE C 19 -0.52 -8.29 5.32
C PHE C 19 0.15 -9.04 6.46
N PHE C 20 1.39 -9.53 6.28
CA PHE C 20 2.09 -10.17 7.42
C PHE C 20 3.16 -9.27 8.05
N SER C 21 2.96 -8.87 9.30
CA SER C 21 3.96 -8.07 10.00
C SER C 21 5.29 -8.75 10.08
N LYS C 22 6.31 -7.92 10.22
CA LYS C 22 7.67 -8.39 10.34
C LYS C 22 8.18 -8.18 11.73
N SER C 23 7.45 -7.43 12.54
CA SER C 23 7.81 -7.26 13.94
C SER C 23 6.58 -7.49 14.84
N GLN C 24 6.74 -7.29 16.14
CA GLN C 24 5.75 -7.72 17.10
C GLN C 24 5.14 -6.56 17.86
N ARG C 25 3.86 -6.67 18.20
CA ARG C 25 3.14 -5.67 18.98
C ARG C 25 2.27 -6.42 19.99
N ASN C 26 1.76 -5.75 21.01
CA ASN C 26 0.69 -6.36 21.85
C ASN C 26 -0.62 -6.40 21.08
N TRP C 27 -1.69 -6.96 21.63
CA TRP C 27 -2.86 -7.26 20.83
C TRP C 27 -3.49 -5.96 20.43
N ASN C 28 -3.64 -5.04 21.39
CA ASN C 28 -4.29 -3.73 21.05
C ASN C 28 -3.45 -2.96 20.09
N ASP C 29 -2.15 -2.92 20.29
CA ASP C 29 -1.33 -2.20 19.33
C ASP C 29 -1.53 -2.78 17.91
N ALA C 30 -1.57 -4.11 17.81
CA ALA C 30 -1.91 -4.76 16.54
C ALA C 30 -3.27 -4.32 15.96
N VAL C 31 -4.31 -4.23 16.77
CA VAL C 31 -5.55 -3.69 16.28
C VAL C 31 -5.37 -2.30 15.64
N THR C 32 -4.61 -1.45 16.33
CA THR C 32 -4.36 -0.12 15.82
C THR C 32 -3.52 -0.22 14.57
N ALA C 33 -2.53 -1.10 14.60
CA ALA C 33 -1.62 -1.13 13.49
C ALA C 33 -2.42 -1.35 12.21
N CYS C 34 -3.39 -2.27 12.24
CA CYS C 34 -4.15 -2.55 11.05
C CYS C 34 -5.14 -1.41 10.73
N LYS C 35 -5.63 -0.74 11.77
CA LYS C 35 -6.50 0.41 11.54
C LYS C 35 -5.78 1.51 10.73
N GLU C 36 -4.46 1.61 10.88
CA GLU C 36 -3.68 2.64 10.17
C GLU C 36 -3.83 2.57 8.70
N VAL C 37 -4.20 1.42 8.15
CA VAL C 37 -4.29 1.29 6.71
C VAL C 37 -5.67 0.80 6.35
N LYS C 38 -6.61 1.12 7.22
CA LYS C 38 -8.00 0.76 7.02
C LYS C 38 -8.17 -0.73 6.84
N ALA C 39 -7.44 -1.50 7.61
CA ALA C 39 -7.61 -2.95 7.65
C ALA C 39 -8.03 -3.33 9.03
N GLN C 40 -8.18 -4.63 9.30
CA GLN C 40 -8.42 -5.14 10.65
C GLN C 40 -7.53 -6.28 10.95
N LEU C 41 -7.18 -6.41 12.22
CA LEU C 41 -6.55 -7.61 12.73
C LEU C 41 -7.39 -8.83 12.31
N VAL C 42 -6.73 -9.86 11.78
CA VAL C 42 -7.39 -10.73 10.82
C VAL C 42 -8.53 -11.54 11.36
N ILE C 43 -9.57 -11.63 10.57
CA ILE C 43 -10.74 -12.35 10.89
C ILE C 43 -10.78 -13.59 9.96
N ILE C 44 -11.00 -14.76 10.55
CA ILE C 44 -11.14 -15.96 9.80
C ILE C 44 -12.57 -16.18 9.37
N ASN C 45 -12.82 -16.16 8.08
CA ASN C 45 -14.16 -16.38 7.52
C ASN C 45 -14.21 -17.64 6.66
N SER C 46 -13.11 -18.40 6.55
CA SER C 46 -13.13 -19.63 5.78
C SER C 46 -12.03 -20.54 6.28
N ASP C 47 -12.27 -21.85 6.18
CA ASP C 47 -11.23 -22.86 6.40
C ASP C 47 -9.94 -22.67 5.57
N GLU C 48 -10.06 -22.26 4.32
CA GLU C 48 -8.85 -22.16 3.50
C GLU C 48 -7.99 -20.99 4.01
N GLU C 49 -8.65 -19.91 4.43
CA GLU C 49 -7.92 -18.81 5.01
C GLU C 49 -7.18 -19.27 6.26
N GLN C 50 -7.85 -20.01 7.12
CA GLN C 50 -7.22 -20.57 8.33
C GLN C 50 -5.99 -21.44 7.97
N THR C 51 -6.15 -22.35 7.05
CA THR C 51 -4.99 -23.12 6.65
C THR C 51 -3.84 -22.21 6.17
N PHE C 52 -4.14 -21.24 5.30
CA PHE C 52 -3.10 -20.44 4.72
C PHE C 52 -2.39 -19.62 5.80
N LEU C 53 -3.16 -18.92 6.63
CA LEU C 53 -2.54 -18.12 7.73
C LEU C 53 -1.81 -19.01 8.72
N GLN C 54 -2.36 -20.17 9.06
CA GLN C 54 -1.69 -21.11 10.00
C GLN C 54 -0.30 -21.49 9.56
N GLN C 55 -0.08 -21.69 8.26
CA GLN C 55 1.25 -22.11 7.84
C GLN C 55 2.25 -20.98 7.85
N THR C 56 1.84 -19.79 7.46
CA THR C 56 2.78 -18.66 7.51
C THR C 56 3.19 -18.43 8.98
N SER C 57 2.19 -18.41 9.85
CA SER C 57 2.37 -18.26 11.29
C SER C 57 3.39 -19.24 11.87
N LYS C 58 3.35 -20.51 11.45
CA LYS C 58 4.31 -21.49 11.95
C LYS C 58 5.75 -21.20 11.59
N ALA C 59 5.98 -20.56 10.44
CA ALA C 59 7.33 -20.20 9.99
C ALA C 59 7.87 -18.94 10.65
N LYS C 60 7.01 -18.13 11.23
CA LYS C 60 7.37 -16.83 11.78
C LYS C 60 7.37 -16.91 13.27
N GLY C 61 6.25 -17.30 13.85
CA GLY C 61 6.14 -17.44 15.30
C GLY C 61 4.74 -17.14 15.75
N PRO C 62 4.47 -17.24 17.04
CA PRO C 62 3.12 -16.96 17.43
C PRO C 62 2.67 -15.58 16.99
N THR C 63 1.40 -15.52 16.50
CA THR C 63 0.80 -14.44 15.72
C THR C 63 -0.68 -14.21 16.10
N TRP C 64 -1.07 -12.94 16.25
CA TRP C 64 -2.36 -12.60 16.83
C TRP C 64 -3.38 -12.64 15.72
N MET C 65 -4.60 -13.06 16.03
CA MET C 65 -5.73 -12.77 15.16
C MET C 65 -6.65 -11.76 15.86
N GLY C 66 -7.65 -11.25 15.13
CA GLY C 66 -8.58 -10.24 15.65
C GLY C 66 -9.74 -10.87 16.43
N LEU C 67 -9.39 -11.71 17.40
CA LEU C 67 -10.39 -12.44 18.19
C LEU C 67 -10.05 -12.25 19.64
N SER C 68 -11.04 -11.84 20.43
CA SER C 68 -10.87 -11.77 21.87
C SER C 68 -12.14 -11.97 22.63
N ASP C 69 -11.99 -12.11 23.93
CA ASP C 69 -13.13 -12.10 24.81
C ASP C 69 -12.94 -10.98 25.81
N LEU C 70 -12.37 -9.87 25.35
CA LEU C 70 -12.15 -8.71 26.23
C LEU C 70 -13.46 -8.12 26.76
N LYS C 71 -14.53 -8.17 25.96
CA LYS C 71 -15.76 -7.46 26.26
C LYS C 71 -16.58 -8.28 27.26
N LYS C 72 -16.85 -9.54 26.93
CA LYS C 72 -17.61 -10.44 27.79
C LYS C 72 -16.87 -11.79 27.92
N GLU C 73 -16.35 -12.06 29.11
CA GLU C 73 -15.54 -13.24 29.30
C GLU C 73 -16.21 -14.49 28.72
N ALA C 74 -15.39 -15.33 28.11
CA ALA C 74 -15.88 -16.56 27.52
C ALA C 74 -16.85 -16.33 26.36
N THR C 75 -16.93 -15.12 25.84
CA THR C 75 -17.63 -14.92 24.60
C THR C 75 -16.66 -14.33 23.58
N TRP C 76 -16.30 -15.17 22.60
CA TRP C 76 -15.22 -14.83 21.68
C TRP C 76 -15.74 -14.02 20.53
N LEU C 77 -15.27 -12.77 20.46
CA LEU C 77 -15.74 -11.83 19.44
C LEU C 77 -14.62 -11.39 18.53
N TRP C 78 -14.86 -11.42 17.24
CA TRP C 78 -13.96 -10.81 16.28
C TRP C 78 -14.01 -9.27 16.46
N VAL C 79 -12.94 -8.57 16.07
CA VAL C 79 -12.86 -7.13 16.20
C VAL C 79 -13.93 -6.38 15.37
N ASP C 80 -14.65 -7.05 14.46
CA ASP C 80 -15.80 -6.39 13.78
C ASP C 80 -17.13 -6.60 14.51
N GLY C 81 -17.10 -7.07 15.75
CA GLY C 81 -18.32 -7.32 16.55
C GLY C 81 -18.99 -8.68 16.36
N SER C 82 -18.80 -9.30 15.19
CA SER C 82 -19.31 -10.66 14.92
C SER C 82 -18.79 -11.72 15.89
N THR C 83 -19.63 -12.69 16.25
CA THR C 83 -19.23 -13.74 17.23
C THR C 83 -18.56 -14.98 16.57
N LEU C 84 -17.73 -15.70 17.31
CA LEU C 84 -17.09 -16.88 16.72
C LEU C 84 -18.14 -17.89 16.21
N SER C 85 -18.21 -18.08 14.91
CA SER C 85 -19.05 -19.15 14.39
C SER C 85 -18.69 -20.59 14.87
N SER C 86 -19.70 -21.44 14.96
CA SER C 86 -19.49 -22.82 15.40
C SER C 86 -18.73 -23.67 14.37
N ARG C 87 -18.85 -23.34 13.08
CA ARG C 87 -18.02 -23.92 11.99
C ARG C 87 -16.49 -23.74 12.25
N PHE C 88 -16.10 -22.84 13.17
CA PHE C 88 -14.67 -22.59 13.45
C PHE C 88 -14.25 -22.98 14.86
N GLN C 89 -15.13 -23.55 15.64
CA GLN C 89 -14.73 -24.07 16.95
C GLN C 89 -13.64 -25.16 16.83
N LYS C 90 -13.58 -25.85 15.70
CA LYS C 90 -12.58 -26.92 15.54
C LYS C 90 -11.12 -26.47 15.56
N TYR C 91 -10.86 -25.16 15.49
CA TYR C 91 -9.49 -24.68 15.25
C TYR C 91 -8.73 -24.45 16.51
N TRP C 92 -9.43 -24.45 17.64
CA TRP C 92 -8.79 -24.40 18.97
C TRP C 92 -7.87 -25.60 19.16
N ASN C 93 -6.65 -25.35 19.56
CA ASN C 93 -5.82 -26.43 20.02
C ASN C 93 -6.52 -27.22 21.17
N ARG C 94 -6.05 -28.45 21.40
CA ARG C 94 -6.53 -29.21 22.54
C ARG C 94 -5.86 -28.59 23.73
N GLY C 95 -6.66 -28.31 24.74
CA GLY C 95 -6.19 -27.58 25.92
C GLY C 95 -6.52 -26.11 25.84
N GLU C 96 -7.21 -25.73 24.76
CA GLU C 96 -7.49 -24.33 24.45
C GLU C 96 -8.96 -24.16 24.11
N PRO C 97 -9.57 -23.06 24.51
CA PRO C 97 -9.05 -22.00 25.32
C PRO C 97 -9.09 -22.37 26.80
N ASN C 98 -8.05 -22.02 27.55
CA ASN C 98 -7.99 -22.25 28.98
C ASN C 98 -7.73 -20.91 29.72
N ASN C 99 -7.22 -20.95 30.97
CA ASN C 99 -7.02 -19.75 31.81
C ASN C 99 -7.94 -18.59 31.43
N ILE C 100 -9.24 -18.89 31.36
CA ILE C 100 -10.29 -17.92 30.99
C ILE C 100 -10.26 -16.75 31.97
N GLY C 101 -10.35 -15.53 31.50
CA GLY C 101 -10.25 -14.38 32.43
C GLY C 101 -8.83 -13.93 32.79
N GLU C 102 -7.87 -14.86 32.84
CA GLU C 102 -6.45 -14.49 32.75
C GLU C 102 -6.06 -14.23 31.26
N GLU C 103 -6.42 -15.12 30.31
CA GLU C 103 -5.91 -15.07 28.90
C GLU C 103 -6.98 -14.76 27.89
N ASP C 104 -6.93 -13.57 27.33
CA ASP C 104 -8.12 -13.02 26.68
C ASP C 104 -8.06 -12.85 25.17
N CYS C 105 -6.88 -13.01 24.61
CA CYS C 105 -6.68 -12.70 23.22
C CYS C 105 -6.33 -13.98 22.47
N VAL C 106 -6.68 -14.11 21.21
CA VAL C 106 -6.41 -15.37 20.48
C VAL C 106 -5.23 -15.26 19.49
N GLU C 107 -4.29 -16.22 19.55
CA GLU C 107 -3.10 -16.26 18.69
C GLU C 107 -3.09 -17.55 17.91
N PHE C 108 -2.43 -17.57 16.73
CA PHE C 108 -2.07 -18.78 16.01
C PHE C 108 -0.91 -19.43 16.74
N ALA C 109 -1.03 -20.69 17.09
CA ALA C 109 0.13 -21.44 17.63
C ALA C 109 0.09 -22.87 17.13
N GLY C 110 1.22 -23.32 16.55
CA GLY C 110 1.35 -24.64 16.00
C GLY C 110 0.35 -24.82 14.91
N ASP C 111 -0.50 -25.83 15.04
CA ASP C 111 -1.43 -26.19 13.98
C ASP C 111 -2.83 -25.62 14.27
N GLY C 112 -3.00 -24.87 15.36
CA GLY C 112 -4.29 -24.21 15.69
C GLY C 112 -4.23 -22.92 16.52
N TRP C 113 -5.21 -22.76 17.39
CA TRP C 113 -5.38 -21.52 18.18
C TRP C 113 -5.21 -21.72 19.73
N ASN C 114 -4.68 -20.69 20.38
CA ASN C 114 -4.62 -20.56 21.83
C ASN C 114 -5.19 -19.20 22.21
N ASP C 115 -5.70 -19.08 23.43
CA ASP C 115 -5.87 -17.77 24.06
C ASP C 115 -4.61 -17.40 24.81
N SER C 116 -4.22 -16.14 24.77
CA SER C 116 -2.95 -15.71 25.33
C SER C 116 -3.21 -14.45 26.11
N LYS C 117 -2.19 -14.02 26.85
CA LYS C 117 -2.25 -12.74 27.55
C LYS C 117 -2.12 -11.65 26.48
N CYS C 118 -3.10 -10.76 26.39
CA CYS C 118 -3.08 -9.66 25.44
C CYS C 118 -1.87 -8.73 25.53
N GLU C 119 -1.20 -8.72 26.68
CA GLU C 119 -0.08 -7.81 26.98
C GLU C 119 1.18 -8.17 26.15
N LEU C 120 1.25 -9.40 25.66
CA LEU C 120 2.45 -9.93 25.04
C LEU C 120 2.67 -9.52 23.60
N LYS C 121 3.93 -9.36 23.26
CA LYS C 121 4.31 -9.01 21.93
C LYS C 121 4.34 -10.23 20.97
N LYS C 122 3.45 -10.26 19.99
CA LYS C 122 3.46 -11.27 18.93
C LYS C 122 3.37 -10.62 17.56
N PHE C 123 3.50 -11.46 16.54
CA PHE C 123 3.35 -10.96 15.20
C PHE C 123 1.86 -10.71 15.00
N TRP C 124 1.51 -10.11 13.85
CA TRP C 124 0.16 -9.85 13.56
C TRP C 124 -0.05 -9.91 12.10
N ILE C 125 -1.34 -9.94 11.72
CA ILE C 125 -1.75 -9.97 10.35
C ILE C 125 -2.98 -9.13 10.12
N CYS C 126 -3.01 -8.42 9.00
CA CYS C 126 -4.15 -7.55 8.70
C CYS C 126 -4.81 -8.11 7.50
N LYS C 127 -6.09 -7.72 7.36
CA LYS C 127 -6.95 -8.17 6.31
C LYS C 127 -7.83 -7.00 5.89
N LYS C 128 -7.98 -6.80 4.59
CA LYS C 128 -8.97 -5.89 4.00
C LYS C 128 -9.39 -6.49 2.65
N SER C 129 -10.40 -5.93 2.02
CA SER C 129 -10.91 -6.54 0.81
C SER C 129 -9.99 -6.32 -0.41
N ALA C 130 -9.97 -7.28 -1.33
CA ALA C 130 -9.19 -7.19 -2.56
C ALA C 130 -9.89 -6.29 -3.60
N THR C 131 -9.22 -6.01 -4.70
CA THR C 131 -9.79 -5.22 -5.81
C THR C 131 -9.82 -5.99 -7.10
N PRO C 132 -11.00 -6.14 -7.71
CA PRO C 132 -11.08 -7.00 -8.89
C PRO C 132 -10.40 -6.44 -10.14
N CYS C 133 -10.35 -7.28 -11.17
CA CYS C 133 -9.73 -6.93 -12.46
C CYS C 133 -10.70 -7.15 -13.64
N LYS D 1 16.44 -4.90 12.84
CA LYS D 1 15.57 -5.61 11.83
C LYS D 1 14.80 -6.75 12.57
N LEU D 2 13.78 -7.34 11.93
CA LEU D 2 13.18 -8.61 12.40
C LEU D 2 12.63 -9.48 11.19
N CYS D 3 11.67 -10.40 11.39
CA CYS D 3 11.37 -11.48 10.41
C CYS D 3 10.70 -11.19 9.01
N ARG D 4 11.48 -11.44 7.94
CA ARG D 4 10.96 -11.60 6.59
C ARG D 4 11.36 -12.94 5.96
N LEU D 5 10.37 -13.76 5.61
CA LEU D 5 10.63 -15.05 5.07
C LEU D 5 10.98 -14.94 3.63
N CYS D 6 10.36 -13.97 2.95
CA CYS D 6 10.42 -13.84 1.50
C CYS D 6 10.83 -12.44 1.10
N PRO D 7 11.37 -12.28 -0.11
CA PRO D 7 11.57 -10.91 -0.53
C PRO D 7 10.28 -10.08 -0.54
N TRP D 8 10.44 -8.75 -0.50
CA TRP D 8 9.31 -7.80 -0.49
C TRP D 8 8.40 -8.19 -1.63
N ASP D 9 7.09 -8.26 -1.37
CA ASP D 9 6.15 -8.48 -2.45
C ASP D 9 6.13 -9.88 -3.00
N TRP D 10 6.80 -10.82 -2.33
CA TRP D 10 6.59 -12.23 -2.59
C TRP D 10 5.81 -12.84 -1.40
N THR D 11 5.06 -13.90 -1.67
CA THR D 11 4.14 -14.46 -0.72
C THR D 11 4.69 -15.81 -0.21
N PHE D 12 4.72 -16.01 1.10
CA PHE D 12 5.23 -17.28 1.65
C PHE D 12 4.19 -18.40 1.64
N LEU D 13 4.58 -19.57 1.15
CA LEU D 13 3.73 -20.77 1.24
C LEU D 13 4.58 -22.02 1.29
N LEU D 14 4.49 -22.77 2.39
CA LEU D 14 5.14 -24.06 2.56
C LEU D 14 6.63 -24.04 2.31
N GLY D 15 7.30 -23.03 2.87
CA GLY D 15 8.71 -22.96 2.72
C GLY D 15 9.26 -22.36 1.42
N ASN D 16 8.38 -21.86 0.56
CA ASN D 16 8.79 -21.15 -0.64
C ASN D 16 8.14 -19.79 -0.79
N CYS D 17 8.61 -19.05 -1.79
CA CYS D 17 8.19 -17.70 -2.01
C CYS D 17 7.65 -17.55 -3.40
N TYR D 18 6.48 -16.93 -3.51
CA TYR D 18 5.79 -16.82 -4.81
C TYR D 18 5.64 -15.39 -5.21
N PHE D 19 6.05 -15.06 -6.42
CA PHE D 19 5.78 -13.74 -6.95
C PHE D 19 4.76 -13.78 -8.07
N PHE D 20 3.72 -12.97 -7.97
CA PHE D 20 2.73 -12.83 -9.03
C PHE D 20 2.99 -11.64 -9.89
N SER D 21 3.19 -11.83 -11.18
CA SER D 21 3.46 -10.68 -12.06
C SER D 21 2.24 -9.79 -12.14
N LYS D 22 2.50 -8.54 -12.50
CA LYS D 22 1.43 -7.55 -12.69
C LYS D 22 1.15 -7.41 -14.21
N SER D 23 2.16 -7.61 -15.04
CA SER D 23 1.98 -7.54 -16.48
C SER D 23 2.19 -8.92 -17.14
N GLN D 24 2.16 -8.94 -18.46
CA GLN D 24 2.06 -10.19 -19.21
C GLN D 24 3.25 -10.33 -20.10
N ARG D 25 3.63 -11.56 -20.40
CA ARG D 25 4.82 -11.88 -21.24
C ARG D 25 4.64 -13.22 -21.87
N ASN D 26 5.43 -13.51 -22.91
CA ASN D 26 5.46 -14.87 -23.47
C ASN D 26 6.18 -15.95 -22.60
N TRP D 27 5.90 -17.22 -22.85
CA TRP D 27 6.40 -18.24 -21.97
C TRP D 27 7.92 -18.10 -21.76
N ASN D 28 8.73 -18.08 -22.81
CA ASN D 28 10.17 -17.90 -22.65
C ASN D 28 10.59 -16.64 -21.94
N ASP D 29 9.96 -15.53 -22.26
CA ASP D 29 10.30 -14.31 -21.58
C ASP D 29 9.88 -14.42 -20.12
N ALA D 30 8.83 -15.18 -19.84
CA ALA D 30 8.41 -15.32 -18.46
C ALA D 30 9.47 -16.03 -17.65
N VAL D 31 10.05 -17.08 -18.27
CA VAL D 31 11.11 -17.85 -17.66
C VAL D 31 12.30 -16.97 -17.36
N THR D 32 12.65 -16.09 -18.28
CA THR D 32 13.84 -15.26 -18.13
C THR D 32 13.66 -14.30 -16.97
N ALA D 33 12.46 -13.76 -16.89
CA ALA D 33 12.09 -12.84 -15.84
C ALA D 33 12.30 -13.55 -14.53
N CYS D 34 11.89 -14.81 -14.42
CA CYS D 34 12.07 -15.49 -13.14
C CYS D 34 13.55 -15.76 -12.85
N LYS D 35 14.29 -16.16 -13.87
CA LYS D 35 15.75 -16.29 -13.75
C LYS D 35 16.40 -14.99 -13.29
N GLU D 36 15.93 -13.88 -13.80
CA GLU D 36 16.61 -12.65 -13.47
C GLU D 36 16.52 -12.43 -12.00
N VAL D 37 15.45 -12.90 -11.35
CA VAL D 37 15.31 -12.71 -9.89
C VAL D 37 15.62 -14.03 -9.18
N LYS D 38 16.49 -14.83 -9.79
CA LYS D 38 16.90 -16.12 -9.26
C LYS D 38 15.78 -16.99 -8.78
N ALA D 39 14.81 -17.18 -9.66
CA ALA D 39 13.70 -18.02 -9.37
C ALA D 39 13.30 -18.85 -10.60
N GLN D 40 12.35 -19.75 -10.43
CA GLN D 40 11.87 -20.61 -11.48
C GLN D 40 10.45 -20.20 -11.78
N LEU D 41 10.11 -20.11 -13.04
CA LEU D 41 8.73 -20.04 -13.47
C LEU D 41 8.05 -21.22 -12.80
N VAL D 42 6.98 -20.94 -12.04
CA VAL D 42 6.56 -21.86 -10.99
C VAL D 42 6.43 -23.34 -11.39
N ILE D 43 7.11 -24.16 -10.61
CA ILE D 43 6.94 -25.58 -10.70
C ILE D 43 6.03 -25.99 -9.56
N ILE D 44 5.13 -26.96 -9.80
CA ILE D 44 4.17 -27.35 -8.79
C ILE D 44 4.57 -28.66 -8.16
N ASN D 45 4.58 -28.69 -6.83
CA ASN D 45 5.02 -29.88 -6.13
C ASN D 45 4.16 -30.28 -4.97
N SER D 46 2.97 -29.76 -4.87
CA SER D 46 2.06 -30.16 -3.83
C SER D 46 0.66 -29.69 -4.23
N ASP D 47 -0.39 -30.43 -3.83
CA ASP D 47 -1.78 -29.94 -4.05
C ASP D 47 -2.10 -28.56 -3.43
N GLU D 48 -1.61 -28.33 -2.23
CA GLU D 48 -1.87 -27.06 -1.53
C GLU D 48 -1.33 -25.90 -2.34
N GLU D 49 -0.10 -26.04 -2.84
CA GLU D 49 0.47 -25.03 -3.74
C GLU D 49 -0.44 -24.81 -4.94
N GLN D 50 -0.86 -25.90 -5.58
CA GLN D 50 -1.64 -25.80 -6.79
C GLN D 50 -2.88 -24.97 -6.54
N THR D 51 -3.59 -25.30 -5.48
CA THR D 51 -4.82 -24.61 -5.10
C THR D 51 -4.58 -23.12 -4.86
N PHE D 52 -3.51 -22.82 -4.14
CA PHE D 52 -3.28 -21.46 -3.75
C PHE D 52 -3.07 -20.63 -5.00
N LEU D 53 -2.27 -21.16 -5.95
CA LEU D 53 -1.93 -20.43 -7.19
C LEU D 53 -3.09 -20.31 -8.15
N GLN D 54 -3.88 -21.38 -8.22
CA GLN D 54 -4.99 -21.53 -9.16
C GLN D 54 -6.01 -20.47 -8.85
N GLN D 55 -6.33 -20.34 -7.57
CA GLN D 55 -7.27 -19.38 -7.07
C GLN D 55 -6.86 -17.95 -7.43
N THR D 56 -5.57 -17.63 -7.29
CA THR D 56 -5.07 -16.29 -7.59
C THR D 56 -5.10 -16.06 -9.11
N SER D 57 -4.63 -17.04 -9.86
CA SER D 57 -4.68 -16.95 -11.31
C SER D 57 -6.09 -16.72 -11.82
N LYS D 58 -7.07 -17.35 -11.18
CA LYS D 58 -8.47 -17.27 -11.59
C LYS D 58 -9.01 -15.85 -11.43
N ALA D 59 -8.55 -15.16 -10.38
CA ALA D 59 -8.99 -13.78 -10.12
C ALA D 59 -8.21 -12.79 -10.97
N LYS D 60 -7.39 -13.27 -11.85
CA LYS D 60 -6.42 -12.42 -12.50
C LYS D 60 -6.39 -12.71 -14.01
N GLY D 61 -6.55 -13.96 -14.42
CA GLY D 61 -6.55 -14.35 -15.84
C GLY D 61 -5.42 -15.30 -16.16
N PRO D 62 -5.47 -15.91 -17.35
CA PRO D 62 -4.53 -16.95 -17.73
C PRO D 62 -3.09 -16.58 -17.43
N THR D 63 -2.38 -17.54 -16.79
CA THR D 63 -1.07 -17.38 -16.12
C THR D 63 -0.15 -18.59 -16.43
N TRP D 64 1.09 -18.32 -16.83
CA TRP D 64 2.02 -19.36 -17.23
C TRP D 64 2.58 -20.07 -16.03
N MET D 65 2.73 -21.38 -16.11
CA MET D 65 3.59 -22.06 -15.16
C MET D 65 4.85 -22.62 -15.86
N GLY D 66 5.74 -23.25 -15.09
CA GLY D 66 7.02 -23.77 -15.62
C GLY D 66 6.96 -25.14 -16.25
N LEU D 67 5.93 -25.38 -17.03
CA LEU D 67 5.62 -26.68 -17.55
C LEU D 67 5.52 -26.61 -19.08
N SER D 68 6.19 -27.51 -19.81
CA SER D 68 6.08 -27.54 -21.26
C SER D 68 6.49 -28.86 -21.85
N ASP D 69 6.12 -29.07 -23.09
CA ASP D 69 6.56 -30.24 -23.83
C ASP D 69 7.35 -29.77 -25.02
N LEU D 70 8.15 -28.72 -24.86
CA LEU D 70 8.98 -28.18 -25.97
C LEU D 70 10.05 -29.14 -26.48
N LYS D 71 10.64 -29.96 -25.61
CA LYS D 71 11.59 -30.98 -26.08
C LYS D 71 10.83 -32.13 -26.80
N LYS D 72 10.10 -32.93 -26.05
CA LYS D 72 9.42 -34.07 -26.61
C LYS D 72 7.90 -33.97 -26.37
N GLU D 73 7.16 -33.97 -27.48
CA GLU D 73 5.71 -33.89 -27.49
C GLU D 73 4.96 -34.78 -26.52
N ALA D 74 3.99 -34.18 -25.85
CA ALA D 74 3.18 -34.87 -24.88
C ALA D 74 4.02 -35.44 -23.76
N THR D 75 5.25 -34.96 -23.61
CA THR D 75 6.04 -35.26 -22.42
C THR D 75 6.30 -33.91 -21.72
N TRP D 76 5.54 -33.68 -20.64
CA TRP D 76 5.49 -32.43 -19.94
C TRP D 76 6.56 -32.44 -18.87
N LEU D 77 7.49 -31.50 -19.00
CA LEU D 77 8.64 -31.33 -18.11
C LEU D 77 8.58 -29.97 -17.44
N TRP D 78 8.90 -29.96 -16.16
CA TRP D 78 9.09 -28.74 -15.45
C TRP D 78 10.40 -28.08 -15.94
N VAL D 79 10.51 -26.76 -15.81
CA VAL D 79 11.78 -26.08 -16.17
C VAL D 79 13.04 -26.67 -15.52
N ASP D 80 12.94 -27.36 -14.38
CA ASP D 80 14.13 -27.99 -13.74
C ASP D 80 14.42 -29.39 -14.32
N GLY D 81 13.64 -29.81 -15.30
CA GLY D 81 13.86 -31.12 -15.90
C GLY D 81 13.03 -32.31 -15.45
N SER D 82 12.33 -32.20 -14.31
CA SER D 82 11.51 -33.31 -13.83
C SER D 82 10.21 -33.44 -14.62
N THR D 83 9.80 -34.68 -14.81
CA THR D 83 8.61 -35.03 -15.54
C THR D 83 7.32 -34.72 -14.72
N LEU D 84 6.24 -34.45 -15.42
CA LEU D 84 4.98 -34.23 -14.70
C LEU D 84 4.56 -35.47 -13.95
N SER D 85 4.68 -35.45 -12.64
CA SER D 85 4.35 -36.62 -11.81
C SER D 85 2.89 -36.94 -11.98
N SER D 86 2.58 -38.22 -12.08
CA SER D 86 1.24 -38.65 -12.50
C SER D 86 0.14 -38.19 -11.52
N ARG D 87 0.49 -37.90 -10.27
CA ARG D 87 -0.52 -37.45 -9.31
C ARG D 87 -0.93 -35.98 -9.45
N PHE D 88 -0.35 -35.25 -10.39
CA PHE D 88 -0.89 -33.92 -10.76
C PHE D 88 -1.69 -33.92 -12.04
N GLN D 89 -1.90 -35.08 -12.66
CA GLN D 89 -2.64 -35.15 -13.91
C GLN D 89 -4.09 -34.66 -13.79
N LYS D 90 -4.67 -34.85 -12.61
CA LYS D 90 -6.06 -34.47 -12.33
C LYS D 90 -6.39 -32.94 -12.45
N TYR D 91 -5.35 -32.12 -12.60
CA TYR D 91 -5.51 -30.70 -12.59
C TYR D 91 -5.67 -30.19 -14.02
N TRP D 92 -5.47 -31.02 -15.04
CA TRP D 92 -5.81 -30.56 -16.38
C TRP D 92 -7.33 -30.27 -16.43
N ASN D 93 -7.72 -29.16 -17.08
CA ASN D 93 -9.14 -28.85 -17.32
C ASN D 93 -9.61 -29.94 -18.19
N ARG D 94 -10.91 -30.22 -18.17
CA ARG D 94 -11.46 -31.10 -19.16
C ARG D 94 -11.15 -30.49 -20.51
N GLY D 95 -10.95 -31.30 -21.54
CA GLY D 95 -10.59 -30.80 -22.86
C GLY D 95 -9.13 -30.47 -23.00
N GLU D 96 -8.33 -30.78 -21.98
CA GLU D 96 -6.88 -30.45 -21.99
C GLU D 96 -5.97 -31.62 -21.58
N PRO D 97 -4.75 -31.65 -22.12
CA PRO D 97 -4.18 -30.81 -23.16
C PRO D 97 -4.64 -31.30 -24.50
N ASN D 98 -4.75 -30.40 -25.46
CA ASN D 98 -5.13 -30.70 -26.84
C ASN D 98 -4.23 -29.92 -27.80
N ASN D 99 -4.59 -29.82 -29.07
CA ASN D 99 -3.66 -29.33 -30.10
C ASN D 99 -2.22 -29.61 -29.79
N ILE D 100 -1.91 -30.87 -29.48
CA ILE D 100 -0.54 -31.29 -29.21
C ILE D 100 0.36 -30.94 -30.40
N GLY D 101 1.59 -30.59 -30.12
CA GLY D 101 2.41 -29.95 -31.17
C GLY D 101 1.86 -28.71 -31.90
N GLU D 102 0.80 -28.07 -31.42
CA GLU D 102 0.63 -26.64 -31.68
C GLU D 102 0.77 -25.82 -30.35
N GLU D 103 0.40 -26.43 -29.22
CA GLU D 103 0.34 -25.73 -27.93
C GLU D 103 1.23 -26.47 -26.97
N ASP D 104 2.39 -25.89 -26.70
CA ASP D 104 3.39 -26.60 -25.97
C ASP D 104 3.68 -26.05 -24.57
N CYS D 105 2.99 -24.98 -24.16
CA CYS D 105 3.22 -24.41 -22.86
C CYS D 105 1.95 -24.48 -22.01
N VAL D 106 2.09 -24.55 -20.69
CA VAL D 106 0.95 -24.76 -19.81
C VAL D 106 0.67 -23.55 -18.95
N GLU D 107 -0.62 -23.30 -18.73
CA GLU D 107 -1.15 -22.16 -17.97
C GLU D 107 -2.25 -22.59 -17.00
N PHE D 108 -2.40 -21.79 -15.96
CA PHE D 108 -3.58 -21.86 -15.16
C PHE D 108 -4.67 -21.18 -16.02
N ALA D 109 -5.85 -21.79 -16.08
CA ALA D 109 -6.98 -21.23 -16.79
C ALA D 109 -8.21 -21.70 -16.04
N GLY D 110 -8.95 -20.75 -15.45
CA GLY D 110 -10.06 -21.03 -14.58
C GLY D 110 -9.70 -21.80 -13.34
N ASP D 111 -10.13 -23.05 -13.31
CA ASP D 111 -9.99 -23.93 -12.16
C ASP D 111 -8.97 -25.00 -12.44
N GLY D 112 -8.33 -24.95 -13.62
CA GLY D 112 -7.42 -25.99 -14.07
C GLY D 112 -6.30 -25.48 -14.94
N TRP D 113 -5.71 -26.40 -15.70
CA TRP D 113 -4.58 -26.09 -16.54
C TRP D 113 -5.02 -26.22 -17.97
N ASN D 114 -4.47 -25.41 -18.86
CA ASN D 114 -4.55 -25.67 -20.31
C ASN D 114 -3.18 -25.73 -20.89
N ASP D 115 -3.01 -26.35 -22.06
CA ASP D 115 -1.84 -26.04 -22.87
C ASP D 115 -2.18 -24.89 -23.81
N SER D 116 -1.19 -24.11 -24.17
CA SER D 116 -1.41 -22.91 -24.97
C SER D 116 -0.17 -22.65 -25.80
N LYS D 117 -0.35 -21.75 -26.76
CA LYS D 117 0.74 -21.32 -27.65
C LYS D 117 1.77 -20.58 -26.82
N CYS D 118 3.00 -21.05 -26.85
CA CYS D 118 4.07 -20.47 -26.04
C CYS D 118 4.29 -19.03 -26.34
N GLU D 119 3.87 -18.62 -27.52
CA GLU D 119 4.20 -17.31 -28.08
C GLU D 119 3.23 -16.26 -27.51
N LEU D 120 2.18 -16.71 -26.83
CA LEU D 120 1.18 -15.79 -26.34
C LEU D 120 1.63 -15.12 -25.08
N LYS D 121 1.00 -13.98 -24.77
CA LYS D 121 1.36 -13.17 -23.61
C LYS D 121 0.43 -13.39 -22.43
N LYS D 122 1.00 -13.68 -21.28
CA LYS D 122 0.22 -14.00 -20.10
C LYS D 122 0.89 -13.53 -18.85
N PHE D 123 0.14 -13.56 -17.75
CA PHE D 123 0.77 -13.28 -16.48
C PHE D 123 1.64 -14.47 -16.17
N TRP D 124 2.56 -14.31 -15.23
CA TRP D 124 3.40 -15.41 -14.79
C TRP D 124 3.52 -15.44 -13.27
N ILE D 125 4.08 -16.53 -12.75
CA ILE D 125 4.44 -16.65 -11.35
C ILE D 125 5.83 -17.22 -11.18
N CYS D 126 6.63 -16.63 -10.30
CA CYS D 126 7.92 -17.18 -9.98
C CYS D 126 7.89 -17.82 -8.63
N LYS D 127 8.83 -18.73 -8.42
CA LYS D 127 9.00 -19.39 -7.16
C LYS D 127 10.46 -19.54 -6.83
N LYS D 128 10.78 -19.30 -5.57
CA LYS D 128 12.05 -19.67 -5.02
C LYS D 128 11.89 -19.91 -3.53
N SER D 129 12.88 -20.54 -2.95
CA SER D 129 12.82 -20.95 -1.59
C SER D 129 12.90 -19.77 -0.64
N ALA D 130 12.31 -19.96 0.54
CA ALA D 130 12.22 -18.93 1.53
C ALA D 130 13.41 -19.00 2.44
N THR D 131 13.58 -17.97 3.25
CA THR D 131 14.65 -17.88 4.22
C THR D 131 14.02 -17.89 5.64
N PRO D 132 14.63 -18.60 6.60
CA PRO D 132 13.97 -18.84 7.87
C PRO D 132 14.05 -17.70 8.85
N CYS D 133 13.47 -17.80 10.05
CA CYS D 133 13.76 -16.77 11.09
C CYS D 133 14.60 -17.13 12.39
N THR D 134 14.02 -17.82 13.39
CA THR D 134 14.70 -18.12 14.69
C THR D 134 14.83 -16.90 15.62
SA GQ1 E . 7.43 20.90 26.45
C1 GQ1 E . 12.61 20.94 25.83
O1S GQ1 E . 7.52 21.90 27.57
C2 GQ1 E . 11.82 22.04 25.18
O2S GQ1 E . 6.33 19.92 26.71
C3 GQ1 E . 10.34 21.83 25.47
O3S GQ1 E . 7.20 21.60 25.16
C4 GQ1 E . 9.83 20.37 25.41
C5 GQ1 E . 10.89 19.30 25.74
C6 GQ1 E . 10.55 17.85 25.30
O1 GQ1 E . 12.41 20.98 27.25
O2 GQ1 E . 12.25 23.26 25.77
O3 GQ1 E . 9.61 22.61 24.52
O4 GQ1 E . 8.77 20.13 26.34
O5 GQ1 E . 12.16 19.73 25.22
O6 GQ1 E . 9.17 17.53 25.46
C1 GLC E . 8.52 16.79 24.42
C2 GLC E . 8.31 17.68 23.18
C3 GLC E . 6.97 18.48 23.17
C4 GLC E . 5.81 17.73 23.81
C5 GLC E . 6.23 17.18 25.19
C6 GLC E . 5.12 16.54 26.01
O2 GLC E . 9.48 18.52 22.98
O3 GLC E . 6.55 18.80 21.84
O4 GLC E . 4.66 18.61 23.89
O5 GLC E . 7.29 16.25 24.94
O6 GLC E . 3.95 16.28 25.23
C1 GQ1 F . -0.93 23.10 -27.54
C2 GQ1 F . -1.80 23.84 -28.55
C3 GQ1 F . -2.30 25.07 -27.83
C4 GQ1 F . -3.16 24.62 -26.66
C5 GQ1 F . -2.70 23.42 -25.84
C6 GQ1 F . -3.94 22.76 -25.16
O1 GQ1 F . 0.02 24.03 -26.97
O2 GQ1 F . -1.08 24.25 -29.69
O3 GQ1 F . -2.97 25.84 -28.81
O4 GQ1 F . -3.04 25.56 -25.64
O5 GQ1 F . -1.80 22.52 -26.55
O6 GQ1 F . -4.16 21.36 -25.54
C1 GLC F . -4.84 20.50 -24.61
C2 GLC F . -3.90 20.16 -23.43
C3 GLC F . -2.69 19.31 -23.83
C4 GLC F . -3.22 18.06 -24.52
C5 GLC F . -4.14 18.45 -25.69
C6 GLC F . -4.55 17.19 -26.51
O2 GLC F . -3.39 21.33 -22.78
O3 GLC F . -1.92 19.04 -22.67
O4 GLC F . -2.12 17.25 -24.99
O5 GLC F . -5.26 19.28 -25.24
O6 GLC F . -4.40 16.00 -25.73
SA GQ1 G . 3.34 -22.47 25.59
C1 GQ1 G . -1.64 -22.00 27.80
O1S GQ1 G . 3.60 -23.68 26.41
C2 GQ1 G . -1.01 -23.20 27.12
O2S GQ1 G . 4.61 -21.72 25.42
C3 GQ1 G . 0.43 -23.01 26.61
O3S GQ1 G . 2.84 -22.89 24.27
C4 GQ1 G . 0.86 -21.56 26.28
C5 GQ1 G . 0.21 -20.56 27.26
C6 GQ1 G . 0.46 -19.04 27.08
O1 GQ1 G . -1.34 -22.04 29.19
O2 GQ1 G . -1.00 -24.30 28.05
O3 GQ1 G . 0.61 -23.84 25.44
O4 GQ1 G . 2.32 -21.50 26.30
O5 GQ1 G . -1.22 -20.76 27.23
O6 GQ1 G . 1.78 -18.70 26.65
C1 GLC G . 1.86 -17.58 25.75
C2 GLC G . 1.58 -18.11 24.34
C3 GLC G . 2.73 -19.00 23.85
C4 GLC G . 4.10 -18.36 24.07
C5 GLC G . 4.30 -17.78 25.47
C6 GLC G . 5.62 -17.04 25.61
O2 GLC G . 0.30 -18.78 24.31
O3 GLC G . 2.57 -19.26 22.46
O4 GLC G . 5.09 -19.36 23.86
O5 GLC G . 3.17 -16.95 25.79
O6 GLC G . 6.30 -16.88 24.34
C1 GLC G . 7.37 -17.83 24.05
C2 GLC G . 8.77 -17.27 24.38
C3 GLC G . 9.30 -16.38 23.27
C4 GLC G . 9.32 -17.16 21.97
C5 GLC G . 7.94 -17.70 21.56
C6 GLC G . 8.03 -18.69 20.37
O2 GLC G . 8.78 -16.56 25.64
O3 GLC G . 10.64 -15.96 23.58
O4 GLC G . 9.82 -16.28 20.96
O5 GLC G . 7.28 -18.33 22.67
O6 GLC G . 9.09 -18.37 19.43
C1 GLC G . 8.82 -17.59 18.21
C2 GLC G . 9.49 -18.17 16.92
C3 GLC G . 10.67 -17.38 16.28
C4 GLC G . 10.43 -15.88 16.42
C5 GLC G . 10.29 -15.61 17.93
C6 GLC G . 10.36 -14.11 18.27
O2 GLC G . 9.94 -19.51 17.20
O3 GLC G . 10.91 -17.68 14.88
O4 GLC G . 11.52 -15.19 15.77
O5 GLC G . 9.06 -16.17 18.43
O6 GLC G . 9.86 -13.89 19.59
CA CA H . 14.38 20.25 23.14
S SO4 I . -1.32 9.39 -6.73
O1 SO4 I . -0.90 8.06 -6.24
O2 SO4 I . -1.13 9.46 -8.19
O3 SO4 I . -0.55 10.45 -6.00
O4 SO4 I . -2.76 9.62 -6.49
CA CA J . -5.10 26.75 -24.77
S SO4 K . -4.58 12.34 7.35
O1 SO4 K . -5.89 12.36 6.71
O2 SO4 K . -4.77 12.47 8.79
O3 SO4 K . -3.71 13.41 6.86
O4 SO4 K . -3.88 11.11 6.95
S SO4 L . -6.59 27.46 0.68
O1 SO4 L . -6.74 28.37 1.84
O2 SO4 L . -5.47 27.89 -0.19
O3 SO4 L . -7.79 27.51 -0.21
O4 SO4 L . -6.27 26.10 1.19
S SO4 M . 0.54 31.32 0.62
O1 SO4 M . 0.53 30.54 -0.65
O2 SO4 M . -0.87 31.58 1.00
O3 SO4 M . 1.26 32.64 0.47
O4 SO4 M . 1.17 30.44 1.66
S SO4 N . -1.72 33.78 -1.30
O1 SO4 N . -2.85 34.10 -2.19
O2 SO4 N . -2.28 33.41 0.03
O3 SO4 N . -0.86 35.00 -1.25
O4 SO4 N . -0.93 32.66 -1.87
S SO4 O . -10.75 7.41 -9.83
O1 SO4 O . -11.57 6.70 -10.85
O2 SO4 O . -9.87 6.54 -8.99
O3 SO4 O . -11.81 8.09 -9.00
O4 SO4 O . -9.76 8.26 -10.50
CA CA P . -4.38 -20.47 26.46
S SO4 Q . -13.35 -22.99 2.03
O1 SO4 Q . -13.04 -22.25 0.77
O2 SO4 Q . -12.50 -22.55 3.16
O3 SO4 Q . -13.04 -24.43 1.79
O4 SO4 Q . -14.78 -22.79 2.48
S SO4 R . 0.58 0.16 3.50
O1 SO4 R . -0.33 0.66 2.40
O2 SO4 R . -0.13 -0.86 4.29
O3 SO4 R . 0.96 1.32 4.36
O4 SO4 R . 1.78 -0.48 2.94
S SO4 S . 11.59 -20.26 21.36
O1 SO4 S . 11.30 -20.35 19.90
O2 SO4 S . 10.32 -20.43 22.09
O3 SO4 S . 12.20 -18.95 21.69
O4 SO4 S . 12.55 -21.32 21.74
CA CA T . -5.31 -26.24 -25.11
S SO4 U . 7.05 -12.53 4.88
O1 SO4 U . 6.10 -13.58 4.47
O2 SO4 U . 7.96 -12.90 5.97
O3 SO4 U . 6.32 -11.40 5.44
O4 SO4 U . 7.73 -12.13 3.65
SA GQ1 V . -0.57 -31.28 0.25
C1 GQ1 V . 3.25 -34.18 -1.72
O1S GQ1 V . -1.62 -32.27 0.67
C2 GQ1 V . 1.75 -34.35 -2.14
O2S GQ1 V . -0.76 -30.85 -1.16
C3 GQ1 V . 1.03 -33.22 -1.60
O3S GQ1 V . -0.63 -30.05 1.09
C4 GQ1 V . 0.99 -33.35 -0.09
C5 GQ1 V . 2.22 -34.11 0.55
C6 GQ1 V . 1.86 -35.53 1.02
O1 GQ1 V . 3.84 -32.97 -2.25
O2 GQ1 V . 1.27 -34.13 -3.46
O3 GQ1 V . -0.15 -33.42 -2.31
O4 GQ1 V . 0.82 -32.00 0.39
O5 GQ1 V . 3.43 -34.19 -0.27
O6 GQ1 V . 1.56 -35.56 2.41
SA GQ1 W . -5.94 -37.72 -4.64
C1 GQ1 W . -2.17 -38.79 -4.08
O1S GQ1 W . -7.36 -38.08 -4.84
C2 GQ1 W . -2.86 -38.63 -5.48
O2S GQ1 W . -5.25 -37.61 -5.97
C3 GQ1 W . -3.99 -39.63 -5.71
O3S GQ1 W . -5.94 -36.44 -3.90
C4 GQ1 W . -4.66 -39.96 -4.35
C5 GQ1 W . -3.77 -40.65 -3.34
C6 GQ1 W . -3.80 -42.18 -3.52
O1 GQ1 W . -2.41 -37.64 -3.21
O2 GQ1 W . -3.38 -37.32 -5.83
O3 GQ1 W . -3.48 -40.76 -6.42
O4 GQ1 W . -5.21 -38.77 -3.77
O5 GQ1 W . -2.43 -40.09 -3.44
O6 GQ1 W . -5.12 -42.73 -3.34
SA GQ1 X . 6.43 -27.53 -2.38
C1 GQ1 X . 11.44 -28.95 -1.84
O1S GQ1 X . 6.38 -27.45 -3.86
C2 GQ1 X . 11.02 -28.14 -3.00
O2S GQ1 X . 6.85 -26.22 -1.90
C3 GQ1 X . 9.54 -27.94 -3.07
O3S GQ1 X . 5.08 -27.64 -1.78
C4 GQ1 X . 8.61 -29.12 -2.66
C5 GQ1 X . 9.31 -30.35 -2.03
C6 GQ1 X . 9.20 -31.59 -2.94
O1 GQ1 X . 11.11 -28.05 -0.80
O2 GQ1 X . 11.49 -26.86 -2.69
O3 GQ1 X . 9.35 -27.72 -4.46
O4 GQ1 X . 7.47 -28.62 -1.87
O5 GQ1 X . 10.74 -30.21 -1.71
O6 GQ1 X . 8.26 -32.54 -2.44
#